data_8FBK
#
_entry.id   8FBK
#
_cell.length_a   70.746
_cell.length_b   70.746
_cell.length_c   200.499
_cell.angle_alpha   90.000
_cell.angle_beta   90.000
_cell.angle_gamma   120.000
#
_symmetry.space_group_name_H-M   'P 63 2 2'
#
_entity_poly.entity_id   1
_entity_poly.type   'polypeptide(L)'
_entity_poly.pdbx_seq_one_letter_code
;MHHHHHHGGSEQKLISEEDLSGGGSWSGSSKEVTERVAELAAEAVRATDKEEVIEIVKELAELAKQSTDSELVNFIVRAL
AAVAIAAQDKELVIYIVKILAELAKQSTDSELVNEIVKALAEVAKAATDKELVKYIVDILLELAKQADDATLVAKIAEQL
AEVREEAKDKELQERIDRVLKKLIEITLRALEESLRELRRILEELKEMLERLEKNPDKDVIVKVLKVIVKAIEASVRNQQ
ISAANQKALALLA
;
_entity_poly.pdbx_strand_id   A
#
# COMPACT_ATOMS: atom_id res chain seq x y z
N GLU A 35 -4.90 28.52 -3.16
CA GLU A 35 -3.72 28.42 -2.30
C GLU A 35 -2.45 28.39 -3.14
N ARG A 36 -1.30 28.48 -2.47
CA ARG A 36 -0.03 28.36 -3.18
C ARG A 36 0.10 27.01 -3.87
N VAL A 37 -0.46 25.96 -3.27
CA VAL A 37 -0.44 24.65 -3.92
C VAL A 37 -1.30 24.67 -5.18
N ALA A 38 -2.45 25.35 -5.12
CA ALA A 38 -3.31 25.46 -6.29
C ALA A 38 -2.65 26.29 -7.39
N GLU A 39 -1.95 27.37 -7.01
CA GLU A 39 -1.23 28.16 -7.99
C GLU A 39 -0.05 27.39 -8.56
N LEU A 40 0.62 26.60 -7.72
CA LEU A 40 1.73 25.79 -8.20
C LEU A 40 1.25 24.71 -9.16
N ALA A 41 0.04 24.20 -8.96
CA ALA A 41 -0.53 23.25 -9.91
C ALA A 41 -0.85 23.93 -11.23
N ALA A 42 -1.23 25.21 -11.20
CA ALA A 42 -1.52 25.92 -12.43
C ALA A 42 -0.24 26.17 -13.22
N GLU A 43 0.88 26.42 -12.52
CA GLU A 43 2.15 26.60 -13.21
C GLU A 43 2.60 25.32 -13.91
N ALA A 44 2.20 24.17 -13.38
CA ALA A 44 2.55 22.91 -14.02
C ALA A 44 1.74 22.66 -15.28
N VAL A 45 0.57 23.29 -15.41
CA VAL A 45 -0.24 23.11 -16.61
C VAL A 45 0.48 23.65 -17.82
N ARG A 46 1.23 24.75 -17.65
CA ARG A 46 1.97 25.34 -18.76
C ARG A 46 3.02 24.38 -19.31
N ALA A 47 3.86 23.84 -18.42
CA ALA A 47 4.90 22.87 -18.78
C ALA A 47 5.79 23.40 -19.91
N THR A 48 6.28 24.62 -19.72
CA THR A 48 7.10 25.26 -20.75
C THR A 48 8.47 24.61 -20.85
N ASP A 49 9.09 24.29 -19.72
CA ASP A 49 10.45 23.77 -19.68
C ASP A 49 10.53 22.68 -18.62
N LYS A 50 11.48 21.76 -18.80
CA LYS A 50 11.69 20.72 -17.80
C LYS A 50 12.24 21.31 -16.51
N GLU A 51 13.11 22.32 -16.62
CA GLU A 51 13.66 22.95 -15.42
C GLU A 51 12.57 23.62 -14.60
N GLU A 52 11.60 24.24 -15.28
CA GLU A 52 10.46 24.81 -14.57
C GLU A 52 9.70 23.73 -13.78
N VAL A 53 9.41 22.61 -14.43
CA VAL A 53 8.63 21.55 -13.78
C VAL A 53 9.41 20.96 -12.61
N ILE A 54 10.73 20.82 -12.76
CA ILE A 54 11.55 20.27 -11.68
C ILE A 54 11.49 21.19 -10.46
N GLU A 55 11.50 22.50 -10.68
CA GLU A 55 11.37 23.44 -9.57
C GLU A 55 10.01 23.30 -8.89
N ILE A 56 8.96 23.05 -9.67
CA ILE A 56 7.61 22.93 -9.09
C ILE A 56 7.50 21.65 -8.26
N VAL A 57 7.79 20.51 -8.88
CA VAL A 57 7.64 19.22 -8.20
C VAL A 57 8.58 19.10 -7.01
N LYS A 58 9.60 19.94 -6.92
CA LYS A 58 10.49 19.90 -5.77
C LYS A 58 9.77 20.35 -4.51
N GLU A 59 9.30 21.60 -4.50
CA GLU A 59 8.61 22.15 -3.34
C GLU A 59 7.18 21.64 -3.20
N LEU A 60 6.61 21.05 -4.26
CA LEU A 60 5.36 20.32 -4.08
C LEU A 60 5.57 19.10 -3.19
N ALA A 61 6.71 18.43 -3.35
CA ALA A 61 7.05 17.32 -2.47
C ALA A 61 7.38 17.82 -1.06
N GLU A 62 8.03 18.98 -0.96
CA GLU A 62 8.35 19.53 0.35
C GLU A 62 7.09 20.00 1.07
N LEU A 63 6.12 20.52 0.31
CA LEU A 63 4.84 20.90 0.92
C LEU A 63 4.05 19.67 1.35
N ALA A 64 4.09 18.60 0.54
CA ALA A 64 3.41 17.38 0.94
C ALA A 64 4.03 16.78 2.19
N LYS A 65 5.35 16.84 2.30
CA LYS A 65 6.02 16.39 3.51
C LYS A 65 5.75 17.36 4.65
N GLN A 66 5.55 16.81 5.86
CA GLN A 66 5.21 17.60 7.04
C GLN A 66 3.91 18.37 6.86
N SER A 67 2.91 17.72 6.26
CA SER A 67 1.58 18.29 6.09
C SER A 67 0.56 17.28 6.60
N THR A 68 -0.28 17.72 7.54
CA THR A 68 -1.19 16.79 8.20
C THR A 68 -2.39 16.47 7.34
N ASP A 69 -2.90 17.45 6.59
CA ASP A 69 -4.11 17.27 5.81
C ASP A 69 -3.85 16.28 4.67
N SER A 70 -4.49 15.11 4.73
CA SER A 70 -4.30 14.10 3.70
C SER A 70 -5.02 14.49 2.41
N GLU A 71 -6.13 15.22 2.52
CA GLU A 71 -6.82 15.70 1.32
C GLU A 71 -5.91 16.57 0.47
N LEU A 72 -5.11 17.42 1.10
CA LEU A 72 -4.15 18.23 0.37
C LEU A 72 -3.09 17.35 -0.30
N VAL A 73 -2.56 16.38 0.44
CA VAL A 73 -1.54 15.49 -0.11
C VAL A 73 -2.10 14.68 -1.27
N ASN A 74 -3.37 14.28 -1.17
CA ASN A 74 -3.98 13.52 -2.25
C ASN A 74 -4.09 14.36 -3.52
N PHE A 75 -4.42 15.65 -3.39
CA PHE A 75 -4.45 16.51 -4.56
C PHE A 75 -3.05 16.74 -5.11
N ILE A 76 -2.05 16.83 -4.22
CA ILE A 76 -0.67 16.93 -4.69
C ILE A 76 -0.24 15.65 -5.40
N VAL A 77 -0.67 14.50 -4.87
CA VAL A 77 -0.29 13.23 -5.48
C VAL A 77 -0.90 13.08 -6.87
N ARG A 78 -2.18 13.42 -7.02
CA ARG A 78 -2.80 13.32 -8.34
C ARG A 78 -2.19 14.30 -9.32
N ALA A 79 -1.84 15.50 -8.87
CA ALA A 79 -1.23 16.48 -9.76
C ALA A 79 0.17 16.04 -10.18
N LEU A 80 0.95 15.50 -9.24
CA LEU A 80 2.28 15.01 -9.59
C LEU A 80 2.20 13.85 -10.56
N ALA A 81 1.22 12.97 -10.38
CA ALA A 81 1.06 11.85 -11.30
C ALA A 81 0.67 12.32 -12.69
N ALA A 82 -0.15 13.36 -12.77
CA ALA A 82 -0.50 13.92 -14.08
C ALA A 82 0.72 14.53 -14.75
N VAL A 83 1.61 15.15 -13.97
CA VAL A 83 2.85 15.68 -14.52
C VAL A 83 3.72 14.55 -15.06
N ALA A 84 3.78 13.44 -14.33
CA ALA A 84 4.58 12.31 -14.79
C ALA A 84 3.92 11.60 -15.97
N ILE A 85 2.59 11.47 -15.93
CA ILE A 85 1.88 10.87 -17.06
C ILE A 85 2.09 11.69 -18.33
N ALA A 86 2.03 13.02 -18.21
CA ALA A 86 2.33 13.90 -19.33
C ALA A 86 3.83 14.16 -19.36
N ALA A 87 4.26 15.21 -20.07
CA ALA A 87 5.66 15.58 -20.20
C ALA A 87 6.51 14.45 -20.76
N GLN A 88 7.84 14.58 -20.67
CA GLN A 88 8.77 13.59 -21.17
C GLN A 88 9.92 13.45 -20.17
N ASP A 89 11.00 12.79 -20.60
CA ASP A 89 12.21 12.58 -19.81
C ASP A 89 11.96 11.61 -18.65
N LYS A 90 12.71 10.51 -18.61
CA LYS A 90 12.53 9.56 -17.52
C LYS A 90 13.05 10.10 -16.20
N GLU A 91 14.08 10.95 -16.24
CA GLU A 91 14.62 11.52 -15.01
C GLU A 91 13.54 12.28 -14.24
N LEU A 92 12.68 13.01 -14.95
CA LEU A 92 11.57 13.68 -14.29
C LEU A 92 10.57 12.66 -13.74
N VAL A 93 10.23 11.65 -14.55
CA VAL A 93 9.26 10.65 -14.11
C VAL A 93 9.81 9.82 -12.96
N ILE A 94 11.09 9.44 -13.04
CA ILE A 94 11.70 8.66 -11.96
C ILE A 94 11.74 9.47 -10.67
N TYR A 95 12.05 10.77 -10.78
CA TYR A 95 12.07 11.61 -9.58
C TYR A 95 10.69 11.77 -8.99
N ILE A 96 9.66 11.89 -9.83
CA ILE A 96 8.29 11.94 -9.34
C ILE A 96 7.90 10.62 -8.70
N VAL A 97 8.32 9.50 -9.32
CA VAL A 97 8.02 8.18 -8.75
C VAL A 97 8.73 8.00 -7.41
N LYS A 98 9.99 8.42 -7.34
CA LYS A 98 10.72 8.35 -6.06
C LYS A 98 10.02 9.17 -4.99
N ILE A 99 9.53 10.36 -5.36
CA ILE A 99 8.86 11.21 -4.39
C ILE A 99 7.56 10.58 -3.92
N LEU A 100 6.76 10.07 -4.85
CA LEU A 100 5.51 9.41 -4.46
C LEU A 100 5.77 8.21 -3.57
N ALA A 101 6.82 7.44 -3.87
CA ALA A 101 7.17 6.31 -3.02
C ALA A 101 7.58 6.77 -1.64
N GLU A 102 8.36 7.85 -1.57
CA GLU A 102 8.80 8.38 -0.28
C GLU A 102 7.61 8.80 0.57
N LEU A 103 6.60 9.41 -0.04
CA LEU A 103 5.40 9.80 0.69
C LEU A 103 4.67 8.58 1.25
N ALA A 104 4.68 7.47 0.50
CA ALA A 104 4.00 6.27 0.97
C ALA A 104 4.78 5.60 2.10
N LYS A 105 6.11 5.62 2.03
CA LYS A 105 6.92 5.05 3.10
C LYS A 105 6.71 5.79 4.41
N GLN A 106 6.66 7.12 4.36
CA GLN A 106 6.48 7.90 5.58
C GLN A 106 5.06 7.80 6.10
N SER A 107 4.09 7.72 5.19
CA SER A 107 2.69 7.79 5.59
C SER A 107 2.27 6.57 6.40
N THR A 108 1.49 6.80 7.45
CA THR A 108 0.87 5.74 8.22
C THR A 108 -0.60 5.55 7.87
N ASP A 109 -1.13 6.37 6.96
CA ASP A 109 -2.53 6.27 6.53
C ASP A 109 -2.60 5.35 5.33
N SER A 110 -3.26 4.20 5.49
CA SER A 110 -3.37 3.25 4.39
C SER A 110 -4.21 3.82 3.25
N GLU A 111 -5.17 4.69 3.56
CA GLU A 111 -5.95 5.32 2.50
C GLU A 111 -5.09 6.23 1.63
N LEU A 112 -4.10 6.88 2.22
CA LEU A 112 -3.22 7.74 1.43
C LEU A 112 -2.21 6.91 0.64
N VAL A 113 -1.65 5.87 1.27
CA VAL A 113 -0.69 5.01 0.58
C VAL A 113 -1.36 4.30 -0.59
N ASN A 114 -2.63 3.95 -0.43
CA ASN A 114 -3.36 3.32 -1.53
C ASN A 114 -3.49 4.26 -2.71
N GLU A 115 -3.90 5.52 -2.45
CA GLU A 115 -4.02 6.49 -3.52
C GLU A 115 -2.67 6.78 -4.17
N ILE A 116 -1.59 6.69 -3.41
CA ILE A 116 -0.26 6.82 -3.99
C ILE A 116 0.06 5.61 -4.87
N VAL A 117 -0.32 4.42 -4.42
CA VAL A 117 -0.12 3.22 -5.23
C VAL A 117 -0.93 3.31 -6.52
N LYS A 118 -2.17 3.80 -6.43
CA LYS A 118 -2.97 4.00 -7.63
C LYS A 118 -2.33 5.02 -8.56
N ALA A 119 -1.66 6.04 -8.00
CA ALA A 119 -0.97 7.01 -8.83
C ALA A 119 0.21 6.37 -9.55
N LEU A 120 0.97 5.53 -8.86
CA LEU A 120 2.07 4.83 -9.50
C LEU A 120 1.58 3.85 -10.57
N ALA A 121 0.39 3.26 -10.36
CA ALA A 121 -0.16 2.36 -11.37
C ALA A 121 -0.60 3.11 -12.61
N GLU A 122 -1.19 4.30 -12.44
CA GLU A 122 -1.66 5.05 -13.60
C GLU A 122 -0.50 5.58 -14.43
N VAL A 123 0.60 5.94 -13.78
CA VAL A 123 1.79 6.37 -14.52
C VAL A 123 2.36 5.21 -15.33
N ALA A 124 2.33 4.00 -14.77
CA ALA A 124 2.86 2.86 -15.48
C ALA A 124 1.97 2.43 -16.65
N LYS A 125 0.66 2.60 -16.52
CA LYS A 125 -0.24 2.24 -17.61
C LYS A 125 -0.04 3.14 -18.82
N ALA A 126 0.23 4.43 -18.59
CA ALA A 126 0.48 5.37 -19.67
C ALA A 126 1.98 5.64 -19.78
N ALA A 127 2.71 4.58 -20.12
CA ALA A 127 4.15 4.61 -20.27
C ALA A 127 4.54 3.92 -21.57
N THR A 128 5.45 4.54 -22.32
CA THR A 128 5.91 4.02 -23.59
C THR A 128 7.23 3.28 -23.50
N ASP A 129 7.74 3.06 -22.29
CA ASP A 129 9.02 2.37 -22.10
C ASP A 129 8.81 1.23 -21.12
N LYS A 130 9.13 0.01 -21.57
CA LYS A 130 8.98 -1.16 -20.72
C LYS A 130 9.80 -1.03 -19.45
N GLU A 131 11.02 -0.49 -19.57
CA GLU A 131 11.89 -0.37 -18.41
C GLU A 131 11.33 0.59 -17.38
N LEU A 132 10.53 1.56 -17.82
CA LEU A 132 9.92 2.48 -16.87
C LEU A 132 8.87 1.78 -16.01
N VAL A 133 8.03 0.94 -16.64
CA VAL A 133 7.04 0.21 -15.86
C VAL A 133 7.71 -0.88 -15.03
N LYS A 134 8.84 -1.41 -15.49
CA LYS A 134 9.57 -2.38 -14.69
C LYS A 134 10.08 -1.74 -13.40
N TYR A 135 10.56 -0.50 -13.49
CA TYR A 135 11.02 0.20 -12.30
C TYR A 135 9.86 0.56 -11.39
N ILE A 136 8.71 0.93 -11.97
CA ILE A 136 7.56 1.28 -11.15
C ILE A 136 6.99 0.06 -10.45
N VAL A 137 6.93 -1.07 -11.15
CA VAL A 137 6.43 -2.30 -10.54
C VAL A 137 7.34 -2.75 -9.41
N ASP A 138 8.66 -2.68 -9.61
CA ASP A 138 9.59 -3.06 -8.56
C ASP A 138 9.52 -2.10 -7.37
N ILE A 139 9.14 -0.84 -7.62
CA ILE A 139 8.91 0.09 -6.52
C ILE A 139 7.68 -0.33 -5.72
N LEU A 140 6.58 -0.62 -6.43
CA LEU A 140 5.37 -1.10 -5.77
C LEU A 140 5.63 -2.41 -5.02
N LEU A 141 6.52 -3.25 -5.54
CA LEU A 141 6.89 -4.46 -4.82
C LEU A 141 7.59 -4.11 -3.51
N GLU A 142 8.48 -3.12 -3.53
CA GLU A 142 9.18 -2.72 -2.32
C GLU A 142 8.23 -2.03 -1.33
N LEU A 143 7.21 -1.34 -1.84
CA LEU A 143 6.22 -0.74 -0.95
C LEU A 143 5.43 -1.81 -0.20
N ALA A 144 5.14 -2.93 -0.88
CA ALA A 144 4.36 -3.99 -0.24
C ALA A 144 5.19 -4.72 0.81
N LYS A 145 6.49 -4.88 0.55
CA LYS A 145 7.36 -5.51 1.54
C LYS A 145 7.43 -4.70 2.83
N GLN A 146 7.46 -3.37 2.70
CA GLN A 146 7.50 -2.51 3.88
C GLN A 146 6.15 -2.44 4.58
N ALA A 147 5.06 -2.50 3.82
CA ALA A 147 3.74 -2.33 4.41
C ALA A 147 3.42 -3.45 5.40
N ASP A 148 3.00 -3.06 6.61
CA ASP A 148 2.58 -4.04 7.60
C ASP A 148 1.21 -4.61 7.29
N ASP A 149 0.34 -3.80 6.69
CA ASP A 149 -1.03 -4.22 6.40
C ASP A 149 -1.05 -5.17 5.21
N ALA A 150 -1.59 -6.38 5.42
CA ALA A 150 -1.80 -7.30 4.31
C ALA A 150 -2.89 -6.81 3.36
N THR A 151 -3.81 -5.99 3.85
CA THR A 151 -4.82 -5.41 2.97
C THR A 151 -4.20 -4.47 1.95
N LEU A 152 -3.09 -3.81 2.32
CA LEU A 152 -2.43 -2.91 1.38
C LEU A 152 -1.66 -3.70 0.32
N VAL A 153 -1.09 -4.84 0.71
CA VAL A 153 -0.42 -5.71 -0.26
C VAL A 153 -1.44 -6.25 -1.26
N ALA A 154 -2.69 -6.43 -0.84
CA ALA A 154 -3.72 -6.88 -1.76
C ALA A 154 -4.12 -5.79 -2.74
N LYS A 155 -4.14 -4.53 -2.28
CA LYS A 155 -4.46 -3.43 -3.18
C LYS A 155 -3.32 -3.16 -4.15
N ILE A 156 -2.07 -3.30 -3.70
CA ILE A 156 -0.94 -3.19 -4.61
C ILE A 156 -0.99 -4.29 -5.66
N ALA A 157 -1.40 -5.50 -5.24
CA ALA A 157 -1.53 -6.60 -6.20
C ALA A 157 -2.68 -6.36 -7.18
N GLU A 158 -3.71 -5.61 -6.76
CA GLU A 158 -4.80 -5.30 -7.67
C GLU A 158 -4.37 -4.29 -8.73
N GLN A 159 -3.61 -3.28 -8.31
CA GLN A 159 -3.09 -2.30 -9.28
C GLN A 159 -2.07 -2.93 -10.21
N LEU A 160 -1.25 -3.86 -9.69
CA LEU A 160 -0.32 -4.58 -10.54
C LEU A 160 -1.05 -5.50 -11.51
N ALA A 161 -2.17 -6.08 -11.08
CA ALA A 161 -2.96 -6.91 -11.99
C ALA A 161 -3.62 -6.06 -13.07
N GLU A 162 -4.03 -4.84 -12.72
CA GLU A 162 -4.62 -3.95 -13.71
C GLU A 162 -3.59 -3.50 -14.74
N VAL A 163 -2.35 -3.32 -14.32
CA VAL A 163 -1.27 -2.99 -15.26
C VAL A 163 -1.07 -4.12 -16.25
N ARG A 164 -1.01 -5.36 -15.75
CA ARG A 164 -0.77 -6.51 -16.61
C ARG A 164 -1.89 -6.72 -17.61
N GLU A 165 -3.13 -6.40 -17.23
CA GLU A 165 -4.27 -6.60 -18.14
C GLU A 165 -4.12 -5.74 -19.39
N GLU A 166 -3.74 -4.48 -19.23
CA GLU A 166 -3.61 -3.57 -20.35
C GLU A 166 -2.18 -3.46 -20.87
N ALA A 167 -1.25 -4.22 -20.30
CA ALA A 167 0.16 -4.04 -20.64
C ALA A 167 0.48 -4.55 -22.03
N LYS A 168 -0.11 -5.69 -22.42
CA LYS A 168 0.30 -6.43 -23.61
C LYS A 168 1.78 -6.79 -23.53
N ASP A 169 2.29 -7.42 -24.58
CA ASP A 169 3.70 -7.78 -24.68
C ASP A 169 4.14 -8.69 -23.54
N LYS A 170 4.33 -9.97 -23.84
CA LYS A 170 4.82 -10.92 -22.83
C LYS A 170 6.21 -10.51 -22.36
N GLU A 171 6.80 -11.31 -21.45
CA GLU A 171 8.03 -10.98 -20.74
C GLU A 171 7.75 -9.88 -19.72
N LEU A 172 7.09 -8.80 -20.15
CA LEU A 172 6.61 -7.80 -19.20
C LEU A 172 5.52 -8.37 -18.32
N GLN A 173 4.52 -9.03 -18.91
CA GLN A 173 3.45 -9.64 -18.13
C GLN A 173 4.00 -10.76 -17.24
N GLU A 174 4.97 -11.51 -17.73
CA GLU A 174 5.58 -12.57 -16.93
C GLU A 174 6.33 -11.98 -15.74
N ARG A 175 6.91 -10.79 -15.89
CA ARG A 175 7.52 -10.11 -14.76
C ARG A 175 6.46 -9.67 -13.76
N ILE A 176 5.28 -9.27 -14.24
CA ILE A 176 4.20 -8.88 -13.33
C ILE A 176 3.74 -10.09 -12.51
N ASP A 177 3.57 -11.24 -13.17
CA ASP A 177 3.12 -12.43 -12.47
C ASP A 177 4.16 -12.90 -11.45
N ARG A 178 5.44 -12.69 -11.73
CA ARG A 178 6.48 -13.03 -10.75
C ARG A 178 6.36 -12.14 -9.52
N VAL A 179 6.08 -10.85 -9.71
CA VAL A 179 5.90 -9.95 -8.58
C VAL A 179 4.60 -10.26 -7.86
N LEU A 180 3.55 -10.62 -8.61
CA LEU A 180 2.28 -10.97 -7.99
C LEU A 180 2.42 -12.21 -7.10
N LYS A 181 3.23 -13.18 -7.52
CA LYS A 181 3.48 -14.35 -6.69
C LYS A 181 4.32 -14.00 -5.48
N LYS A 182 5.17 -12.97 -5.58
CA LYS A 182 5.91 -12.51 -4.41
C LYS A 182 4.98 -11.85 -3.41
N LEU A 183 3.98 -11.10 -3.89
CA LEU A 183 3.02 -10.48 -2.98
C LEU A 183 2.15 -11.51 -2.29
N ILE A 184 1.82 -12.61 -2.98
CA ILE A 184 1.07 -13.68 -2.36
C ILE A 184 1.89 -14.35 -1.26
N GLU A 185 3.21 -14.46 -1.48
CA GLU A 185 4.08 -14.97 -0.44
C GLU A 185 4.12 -14.04 0.77
N ILE A 186 3.96 -12.74 0.55
CA ILE A 186 3.92 -11.79 1.66
C ILE A 186 2.64 -11.99 2.48
N THR A 187 1.51 -12.15 1.81
CA THR A 187 0.25 -12.32 2.53
C THR A 187 0.19 -13.69 3.21
N LEU A 188 0.86 -14.70 2.64
CA LEU A 188 0.89 -16.02 3.28
C LEU A 188 1.65 -15.96 4.60
N ARG A 189 2.85 -15.36 4.58
CA ARG A 189 3.62 -15.22 5.81
C ARG A 189 2.88 -14.38 6.83
N ALA A 190 2.17 -13.34 6.37
CA ALA A 190 1.36 -12.54 7.28
C ALA A 190 0.21 -13.35 7.87
N LEU A 191 -0.37 -14.26 7.08
CA LEU A 191 -1.42 -15.12 7.59
C LEU A 191 -0.88 -16.15 8.58
N GLU A 192 0.37 -16.59 8.39
CA GLU A 192 0.99 -17.52 9.33
C GLU A 192 1.23 -16.85 10.68
N GLU A 193 1.74 -15.62 10.67
CA GLU A 193 1.96 -14.89 11.92
C GLU A 193 0.64 -14.63 12.64
N SER A 194 -0.43 -14.38 11.89
CA SER A 194 -1.72 -14.12 12.50
C SER A 194 -2.30 -15.38 13.15
N LEU A 195 -2.04 -16.54 12.56
CA LEU A 195 -2.50 -17.78 13.16
C LEU A 195 -1.73 -18.11 14.43
N ARG A 196 -0.40 -17.92 14.41
CA ARG A 196 0.39 -18.15 15.61
C ARG A 196 -0.04 -17.22 16.75
N GLU A 197 -0.31 -15.96 16.43
CA GLU A 197 -0.86 -15.05 17.42
C GLU A 197 -2.24 -15.51 17.88
N LEU A 198 -3.00 -16.14 17.00
CA LEU A 198 -4.33 -16.62 17.36
C LEU A 198 -4.26 -17.87 18.23
N ARG A 199 -3.31 -18.77 17.93
CA ARG A 199 -3.14 -19.96 18.77
C ARG A 199 -2.62 -19.60 20.15
N ARG A 200 -1.80 -18.55 20.24
CA ARG A 200 -1.27 -18.13 21.54
C ARG A 200 -2.38 -17.56 22.42
N ILE A 201 -3.18 -16.64 21.87
CA ILE A 201 -4.31 -16.10 22.63
C ILE A 201 -5.31 -17.20 22.96
N LEU A 202 -5.49 -18.15 22.03
CA LEU A 202 -6.35 -19.29 22.31
C LEU A 202 -5.83 -20.09 23.50
N GLU A 203 -4.50 -20.24 23.60
CA GLU A 203 -3.94 -20.97 24.74
C GLU A 203 -4.14 -20.20 26.04
N GLU A 204 -3.96 -18.88 26.01
CA GLU A 204 -4.28 -18.07 27.18
C GLU A 204 -5.76 -18.20 27.54
N LEU A 205 -6.62 -18.31 26.53
CA LEU A 205 -8.05 -18.50 26.76
C LEU A 205 -8.32 -19.85 27.41
N LYS A 206 -7.58 -20.89 27.00
CA LYS A 206 -7.77 -22.20 27.61
C LYS A 206 -7.22 -22.26 29.02
N GLU A 207 -6.16 -21.51 29.30
CA GLU A 207 -5.63 -21.45 30.66
C GLU A 207 -6.47 -20.56 31.56
N MET A 208 -7.03 -19.47 31.02
CA MET A 208 -7.94 -18.65 31.81
C MET A 208 -9.24 -19.37 32.08
N LEU A 209 -9.70 -20.20 31.14
CA LEU A 209 -10.84 -21.08 31.41
C LEU A 209 -10.47 -22.14 32.44
N GLU A 210 -9.20 -22.55 32.48
CA GLU A 210 -8.74 -23.47 33.50
C GLU A 210 -8.81 -22.84 34.88
N ARG A 211 -8.59 -21.53 34.98
CA ARG A 211 -8.70 -20.85 36.26
C ARG A 211 -10.16 -20.75 36.70
N LEU A 212 -11.09 -20.68 35.75
CA LEU A 212 -12.49 -20.51 36.09
C LEU A 212 -13.07 -21.77 36.72
N GLU A 213 -12.59 -22.95 36.31
CA GLU A 213 -13.13 -24.19 36.84
C GLU A 213 -12.85 -24.32 38.34
N LYS A 214 -11.69 -23.82 38.78
CA LYS A 214 -11.34 -23.92 40.19
C LYS A 214 -12.23 -23.03 41.05
N ASN A 215 -12.39 -21.77 40.66
CA ASN A 215 -13.19 -20.81 41.42
C ASN A 215 -14.13 -20.09 40.45
N PRO A 216 -15.45 -20.25 40.59
CA PRO A 216 -16.39 -19.53 39.71
C PRO A 216 -16.75 -18.15 40.25
N ASP A 217 -15.74 -17.32 40.49
CA ASP A 217 -15.98 -15.98 40.99
C ASP A 217 -16.34 -15.03 39.87
N LYS A 218 -16.84 -13.86 40.26
CA LYS A 218 -17.16 -12.81 39.30
C LYS A 218 -15.90 -12.30 38.61
N ASP A 219 -14.84 -12.12 39.38
CA ASP A 219 -13.61 -11.55 38.83
C ASP A 219 -12.98 -12.48 37.81
N VAL A 220 -13.10 -13.79 38.01
CA VAL A 220 -12.55 -14.72 37.03
C VAL A 220 -13.42 -14.76 35.78
N ILE A 221 -14.69 -14.41 35.89
CA ILE A 221 -15.57 -14.41 34.72
C ILE A 221 -15.21 -13.26 33.80
N VAL A 222 -15.16 -12.04 34.34
CA VAL A 222 -14.83 -10.87 33.54
C VAL A 222 -13.42 -10.95 32.98
N LYS A 223 -12.54 -11.74 33.61
CA LYS A 223 -11.22 -11.96 33.04
C LYS A 223 -11.28 -12.88 31.84
N VAL A 224 -12.08 -13.95 31.91
CA VAL A 224 -12.31 -14.80 30.74
C VAL A 224 -13.03 -14.02 29.65
N LEU A 225 -13.95 -13.14 30.04
CA LEU A 225 -14.66 -12.31 29.07
C LEU A 225 -13.69 -11.40 28.32
N LYS A 226 -12.69 -10.86 29.02
CA LYS A 226 -11.69 -10.03 28.36
C LYS A 226 -10.87 -10.84 27.36
N VAL A 227 -10.48 -12.05 27.73
CA VAL A 227 -9.69 -12.89 26.84
C VAL A 227 -10.53 -13.37 25.66
N ILE A 228 -11.82 -13.63 25.88
CA ILE A 228 -12.71 -14.00 24.78
C ILE A 228 -12.79 -12.86 23.78
N VAL A 229 -12.92 -11.62 24.26
CA VAL A 229 -12.96 -10.46 23.37
C VAL A 229 -11.63 -10.33 22.63
N LYS A 230 -10.52 -10.55 23.33
CA LYS A 230 -9.22 -10.51 22.65
C LYS A 230 -9.08 -11.64 21.64
N ALA A 231 -9.72 -12.79 21.90
CA ALA A 231 -9.70 -13.88 20.93
C ALA A 231 -10.56 -13.56 19.72
N ILE A 232 -11.73 -12.95 19.95
CA ILE A 232 -12.58 -12.53 18.84
C ILE A 232 -11.87 -11.50 17.97
N GLU A 233 -11.23 -10.53 18.61
CA GLU A 233 -10.52 -9.49 17.86
C GLU A 233 -9.38 -10.08 17.04
N ALA A 234 -8.60 -10.99 17.65
CA ALA A 234 -7.52 -11.65 16.92
C ALA A 234 -8.06 -12.53 15.81
N SER A 235 -9.23 -13.14 16.01
CA SER A 235 -9.83 -13.97 14.97
C SER A 235 -10.32 -13.11 13.80
N VAL A 236 -10.89 -11.94 14.10
CA VAL A 236 -11.33 -11.04 13.03
C VAL A 236 -10.14 -10.54 12.22
N ARG A 237 -9.05 -10.18 12.90
CA ARG A 237 -7.84 -9.76 12.19
C ARG A 237 -7.31 -10.87 11.31
N ASN A 238 -7.35 -12.11 11.78
CA ASN A 238 -6.86 -13.24 11.00
C ASN A 238 -7.73 -13.48 9.76
N GLN A 239 -9.04 -13.26 9.88
CA GLN A 239 -9.93 -13.44 8.74
C GLN A 239 -9.81 -12.29 7.74
N GLN A 240 -9.43 -11.09 8.20
CA GLN A 240 -9.16 -10.01 7.27
C GLN A 240 -7.90 -10.30 6.46
N ILE A 241 -6.84 -10.74 7.12
CA ILE A 241 -5.60 -11.10 6.42
C ILE A 241 -5.80 -12.35 5.58
N SER A 242 -6.68 -13.25 6.01
CA SER A 242 -7.02 -14.41 5.19
C SER A 242 -7.71 -13.98 3.90
N ALA A 243 -8.66 -13.05 4.01
CA ALA A 243 -9.38 -12.58 2.82
C ALA A 243 -8.46 -11.80 1.89
N ALA A 244 -7.55 -11.00 2.44
CA ALA A 244 -6.58 -10.29 1.62
C ALA A 244 -5.69 -11.26 0.85
N ASN A 245 -5.38 -12.41 1.45
CA ASN A 245 -4.59 -13.42 0.75
C ASN A 245 -5.39 -14.05 -0.38
N GLN A 246 -6.67 -14.34 -0.15
CA GLN A 246 -7.51 -14.92 -1.19
C GLN A 246 -7.67 -13.97 -2.36
N LYS A 247 -7.79 -12.67 -2.09
CA LYS A 247 -7.88 -11.68 -3.16
C LYS A 247 -6.62 -11.69 -4.00
N ALA A 248 -5.44 -11.72 -3.36
CA ALA A 248 -4.19 -11.80 -4.10
C ALA A 248 -4.11 -13.08 -4.92
N LEU A 249 -4.71 -14.16 -4.44
CA LEU A 249 -4.74 -15.40 -5.21
C LEU A 249 -5.62 -15.24 -6.45
N ALA A 250 -6.76 -14.57 -6.32
CA ALA A 250 -7.65 -14.37 -7.46
C ALA A 250 -7.04 -13.42 -8.49
N LEU A 251 -6.25 -12.44 -8.04
CA LEU A 251 -5.61 -11.51 -8.96
C LEU A 251 -4.54 -12.17 -9.81
N LEU A 252 -4.01 -13.31 -9.38
CA LEU A 252 -2.98 -14.03 -10.12
C LEU A 252 -3.59 -14.78 -11.30
#